data_2P9W
#
_entry.id   2P9W
#
_cell.length_a   44.480
_cell.length_b   164.000
_cell.length_c   50.680
_cell.angle_alpha   90.00
_cell.angle_beta   90.00
_cell.angle_gamma   90.00
#
_symmetry.space_group_name_H-M   'P 21 21 2'
#
loop_
_entity.id
_entity.type
_entity.pdbx_description
1 polymer 'Mal s 1 allergenic protein'
2 non-polymer 'SULFATE ION'
3 non-polymer 'CHLORIDE ION'
4 non-polymer GLYCEROL
5 water water
#
_entity_poly.entity_id   1
_entity_poly.type   'polypeptide(L)'
_entity_poly.pdbx_seq_one_letter_code
;ALPDQIDVKVKNLTPEDTIYDRTRQVFYQSNLYKGRIEVYNPKTQSHFNVVIDGASSNGDGEQQMSGLSLLTHDNSKRLF
AVMKNAKSFNFADQSSHGASSFHSFNLPLSENSKPVWSVNFEKVQDEFEKKAGKRPFGVVQSAQDRDGNSYVAFALGMPA
IARVSADGKTVSTFAWESGNGGQRPGYSGITFDPHSNKLIAFGGPRALTAFDVSKPYAWPEPVKINGDFGTLSGTEKIVT
VPVGNESVLVGARAPYAISFRSWDNWKSANIKKTKRSELQNSGFTAVADYYQGSEQGLYAVSAFFDNGAHGGRSDYPLYK
LDNSIQNFHHHHHH
;
_entity_poly.pdbx_strand_id   A
#
loop_
_chem_comp.id
_chem_comp.type
_chem_comp.name
_chem_comp.formula
CL non-polymer 'CHLORIDE ION' 'Cl -1'
GOL non-polymer GLYCEROL 'C3 H8 O3'
SO4 non-polymer 'SULFATE ION' 'O4 S -2'
#
# COMPACT_ATOMS: atom_id res chain seq x y z
N ALA A 1 22.70 16.37 5.19
CA ALA A 1 21.71 15.58 5.97
C ALA A 1 20.37 15.57 5.24
N LEU A 2 19.53 14.59 5.57
CA LEU A 2 18.22 14.51 4.92
C LEU A 2 17.26 15.50 5.58
N PRO A 3 16.32 16.05 4.79
CA PRO A 3 15.42 17.09 5.25
C PRO A 3 14.36 16.56 6.22
N ASP A 4 13.94 17.41 7.16
CA ASP A 4 12.85 17.08 8.07
C ASP A 4 11.52 16.88 7.34
N GLN A 5 11.34 17.61 6.24
CA GLN A 5 10.18 17.44 5.37
C GLN A 5 10.53 17.66 3.92
N ILE A 6 9.81 16.95 3.08
CA ILE A 6 9.86 17.13 1.63
C ILE A 6 8.49 17.67 1.29
N ASP A 7 8.40 18.96 0.93
CA ASP A 7 7.11 19.58 0.61
C ASP A 7 6.79 19.49 -0.87
N VAL A 8 5.88 18.57 -1.19
CA VAL A 8 5.46 18.37 -2.57
C VAL A 8 4.42 19.44 -2.89
N LYS A 9 4.78 20.37 -3.78
CA LYS A 9 3.86 21.51 -4.07
C LYS A 9 3.12 21.20 -5.38
N VAL A 10 2.12 20.35 -5.24
CA VAL A 10 1.21 19.97 -6.31
C VAL A 10 -0.20 20.23 -5.75
N LYS A 11 -1.01 21.00 -6.47
CA LYS A 11 -2.28 21.43 -5.98
C LYS A 11 -3.25 20.24 -6.00
N ASN A 12 -3.99 20.08 -4.91
CA ASN A 12 -5.07 19.10 -4.84
C ASN A 12 -4.63 17.70 -5.22
N LEU A 13 -3.46 17.31 -4.73
CA LEU A 13 -2.91 16.01 -5.08
C LEU A 13 -3.63 14.85 -4.38
N THR A 14 -3.83 14.94 -3.08
CA THR A 14 -4.36 13.87 -2.23
C THR A 14 -3.62 12.56 -2.42
N PRO A 15 -2.36 12.52 -1.97
CA PRO A 15 -1.53 11.32 -2.16
C PRO A 15 -1.84 10.24 -1.15
N GLU A 16 -2.83 9.43 -1.49
CA GLU A 16 -3.20 8.34 -0.66
C GLU A 16 -2.07 7.30 -0.54
N ASP A 17 -1.27 7.17 -1.58
CA ASP A 17 -0.05 6.40 -1.45
C ASP A 17 1.07 7.18 -2.09
N THR A 18 2.29 6.83 -1.72
CA THR A 18 3.52 7.39 -2.26
C THR A 18 4.60 6.38 -2.00
N ILE A 19 5.41 6.12 -3.04
CA ILE A 19 6.56 5.25 -2.99
C ILE A 19 7.71 5.95 -3.71
N TYR A 20 8.92 5.67 -3.26
CA TYR A 20 10.15 6.18 -3.88
C TYR A 20 10.83 5.14 -4.75
N ASP A 21 11.33 5.61 -5.88
CA ASP A 21 12.11 4.77 -6.76
C ASP A 21 13.59 5.21 -6.63
N ARG A 22 14.39 4.47 -5.87
CA ARG A 22 15.75 4.91 -5.59
C ARG A 22 16.58 5.07 -6.87
N THR A 23 16.38 4.13 -7.78
CA THR A 23 17.14 4.10 -9.04
C THR A 23 16.84 5.33 -9.89
N ARG A 24 15.57 5.71 -9.97
CA ARG A 24 15.14 6.78 -10.84
C ARG A 24 14.98 8.13 -10.15
N GLN A 25 15.15 8.15 -8.82
CA GLN A 25 15.17 9.39 -8.04
C GLN A 25 13.88 10.18 -8.17
N VAL A 26 12.76 9.47 -8.15
CA VAL A 26 11.44 10.08 -8.22
C VAL A 26 10.55 9.36 -7.20
N PHE A 27 9.52 10.09 -6.74
CA PHE A 27 8.40 9.49 -6.08
C PHE A 27 7.26 9.27 -7.07
N TYR A 28 6.59 8.12 -6.91
CA TYR A 28 5.32 7.87 -7.57
C TYR A 28 4.23 8.07 -6.50
N GLN A 29 3.29 8.98 -6.78
N GLN A 29 3.23 8.89 -6.86
CA GLN A 29 2.29 9.37 -5.80
CA GLN A 29 2.15 9.27 -5.96
C GLN A 29 0.90 9.22 -6.36
C GLN A 29 0.81 8.99 -6.56
N SER A 30 -0.02 8.74 -5.54
N SER A 30 -0.13 8.63 -5.71
CA SER A 30 -1.44 8.75 -5.92
CA SER A 30 -1.51 8.44 -6.15
C SER A 30 -1.88 10.16 -6.15
C SER A 30 -2.30 9.74 -6.02
N ASN A 31 -2.75 10.33 -7.14
CA ASN A 31 -3.68 11.44 -7.12
C ASN A 31 -5.04 10.80 -6.92
N LEU A 32 -5.54 10.88 -5.69
CA LEU A 32 -6.76 10.08 -5.36
C LEU A 32 -7.92 10.38 -6.29
N TYR A 33 -8.35 11.63 -6.24
CA TYR A 33 -9.61 11.95 -6.83
C TYR A 33 -9.58 11.98 -8.35
N LYS A 34 -8.41 12.32 -8.92
N LYS A 34 -8.42 12.28 -8.96
CA LYS A 34 -8.23 12.34 -10.37
CA LYS A 34 -8.33 12.28 -10.40
C LYS A 34 -7.89 10.95 -10.93
C LYS A 34 -7.86 10.94 -10.95
N GLY A 35 -7.63 9.96 -10.07
CA GLY A 35 -7.39 8.63 -10.54
C GLY A 35 -6.18 8.53 -11.46
N ARG A 36 -5.07 9.15 -11.06
CA ARG A 36 -3.86 9.15 -11.90
C ARG A 36 -2.63 9.02 -11.04
N ILE A 37 -1.50 8.78 -11.68
CA ILE A 37 -0.23 8.64 -10.99
C ILE A 37 0.52 9.97 -11.20
N GLU A 38 1.05 10.56 -10.13
CA GLU A 38 1.85 11.75 -10.23
C GLU A 38 3.30 11.36 -9.96
N VAL A 39 4.23 11.85 -10.79
CA VAL A 39 5.64 11.47 -10.70
C VAL A 39 6.40 12.76 -10.31
N TYR A 40 6.99 12.76 -9.13
CA TYR A 40 7.59 13.95 -8.55
C TYR A 40 9.08 13.75 -8.39
N ASN A 41 9.86 14.69 -8.91
CA ASN A 41 11.31 14.68 -8.73
C ASN A 41 11.64 15.63 -7.59
N PRO A 42 12.08 15.10 -6.43
CA PRO A 42 12.30 15.98 -5.30
C PRO A 42 13.53 16.85 -5.40
N LYS A 43 14.47 16.50 -6.27
CA LYS A 43 15.66 17.34 -6.48
C LYS A 43 15.33 18.58 -7.31
N THR A 44 14.56 18.40 -8.39
CA THR A 44 14.25 19.53 -9.29
C THR A 44 12.89 20.16 -8.99
N GLN A 45 12.02 19.42 -8.31
CA GLN A 45 10.64 19.77 -8.06
C GLN A 45 9.73 19.72 -9.30
N SER A 46 10.23 19.15 -10.40
N SER A 46 10.21 19.06 -10.35
N SER A 46 10.21 19.10 -10.38
CA SER A 46 9.39 18.94 -11.57
CA SER A 46 9.43 18.91 -11.58
CA SER A 46 9.37 18.92 -11.54
C SER A 46 8.45 17.78 -11.30
C SER A 46 8.52 17.68 -11.46
C SER A 46 8.44 17.75 -11.28
N HIS A 47 7.27 17.83 -11.88
CA HIS A 47 6.30 16.73 -11.82
C HIS A 47 5.53 16.61 -13.14
N PHE A 48 5.01 15.40 -13.37
CA PHE A 48 4.06 15.16 -14.44
C PHE A 48 3.14 14.05 -13.96
N ASN A 49 2.15 13.75 -14.80
N ASN A 49 2.12 13.77 -14.75
CA ASN A 49 1.13 12.72 -14.50
CA ASN A 49 1.21 12.70 -14.37
C ASN A 49 1.01 11.65 -15.54
C ASN A 49 1.00 11.69 -15.49
N VAL A 50 0.53 10.50 -15.10
CA VAL A 50 0.19 9.39 -15.98
C VAL A 50 -1.27 9.11 -15.74
N VAL A 51 -2.07 9.39 -16.78
CA VAL A 51 -3.49 9.09 -16.79
C VAL A 51 -3.76 7.67 -17.30
N ILE A 52 -4.88 7.12 -16.83
CA ILE A 52 -5.33 5.81 -17.26
C ILE A 52 -6.66 6.01 -17.96
N ASP A 53 -6.67 5.71 -19.26
N ASP A 53 -6.69 5.73 -19.25
CA ASP A 53 -7.84 5.89 -20.11
CA ASP A 53 -7.84 6.12 -20.06
C ASP A 53 -9.07 5.25 -19.50
C ASP A 53 -9.07 5.30 -19.68
N GLY A 54 -10.16 6.01 -19.40
CA GLY A 54 -11.40 5.45 -18.87
C GLY A 54 -11.50 5.41 -17.34
N ALA A 55 -10.39 5.70 -16.65
CA ALA A 55 -10.38 5.67 -15.19
C ALA A 55 -10.01 7.01 -14.58
N SER A 56 -9.03 7.71 -15.17
CA SER A 56 -8.66 9.00 -14.66
C SER A 56 -9.79 10.01 -14.91
N SER A 57 -9.81 11.09 -14.13
CA SER A 57 -10.89 12.06 -14.21
C SER A 57 -10.43 13.43 -13.79
N ASN A 58 -11.33 14.40 -13.77
CA ASN A 58 -11.04 15.73 -13.27
C ASN A 58 -11.35 15.93 -11.79
N GLY A 59 -11.56 14.83 -11.04
CA GLY A 59 -11.76 14.89 -9.60
C GLY A 59 -13.01 14.21 -9.08
N ASP A 60 -13.90 13.79 -10.00
CA ASP A 60 -15.17 13.18 -9.60
C ASP A 60 -15.40 11.82 -10.26
N GLY A 61 -14.32 11.19 -10.71
CA GLY A 61 -14.45 9.91 -11.35
C GLY A 61 -14.88 8.80 -10.41
N GLU A 62 -15.45 7.74 -10.97
N GLU A 62 -15.44 7.73 -10.97
CA GLU A 62 -15.87 6.54 -10.21
CA GLU A 62 -15.89 6.55 -10.21
C GLU A 62 -14.71 5.83 -9.54
C GLU A 62 -14.74 5.73 -9.62
N GLN A 63 -13.54 5.86 -10.17
CA GLN A 63 -12.35 5.17 -9.66
C GLN A 63 -11.31 6.19 -9.20
N GLN A 64 -10.61 5.82 -8.14
CA GLN A 64 -9.62 6.64 -7.49
C GLN A 64 -8.33 5.87 -7.31
N MET A 65 -7.20 6.58 -7.37
CA MET A 65 -5.88 5.92 -7.26
C MET A 65 -5.57 5.63 -5.79
N SER A 66 -5.56 4.37 -5.38
N SER A 66 -5.44 4.35 -5.41
CA SER A 66 -4.96 4.11 -4.08
CA SER A 66 -5.29 3.98 -3.96
C SER A 66 -3.56 3.61 -4.39
C SER A 66 -3.93 3.35 -3.48
N GLY A 67 -3.36 2.38 -4.20
CA GLY A 67 -2.02 1.94 -3.88
C GLY A 67 -1.11 1.87 -5.08
N LEU A 68 0.16 2.10 -4.79
CA LEU A 68 1.21 1.92 -5.81
C LEU A 68 2.27 1.01 -5.21
N SER A 69 2.92 0.22 -6.05
CA SER A 69 4.01 -0.64 -5.59
C SER A 69 5.00 -0.91 -6.68
N LEU A 70 6.23 -1.29 -6.27
CA LEU A 70 7.29 -1.65 -7.19
C LEU A 70 7.46 -3.14 -7.28
N LEU A 71 7.79 -3.64 -8.48
CA LEU A 71 8.17 -5.04 -8.63
C LEU A 71 9.35 -5.43 -7.73
N THR A 72 10.42 -4.60 -7.73
CA THR A 72 11.59 -4.79 -6.88
C THR A 72 11.98 -3.41 -6.37
N HIS A 73 12.73 -3.39 -5.29
CA HIS A 73 13.15 -2.15 -4.69
C HIS A 73 14.08 -1.34 -5.60
N ASP A 74 15.07 -2.03 -6.14
CA ASP A 74 16.07 -1.42 -7.02
C ASP A 74 15.84 -1.86 -8.45
N ASN A 75 16.15 -0.95 -9.38
CA ASN A 75 16.03 -1.26 -10.79
C ASN A 75 14.67 -1.84 -11.12
N SER A 76 13.62 -1.29 -10.51
CA SER A 76 12.31 -1.90 -10.69
C SER A 76 11.91 -1.85 -12.16
N LYS A 77 11.49 -2.99 -12.69
CA LYS A 77 11.06 -3.03 -14.08
C LYS A 77 9.62 -2.63 -14.29
N ARG A 78 8.82 -2.73 -13.22
CA ARG A 78 7.39 -2.46 -13.30
C ARG A 78 6.88 -1.77 -12.05
N LEU A 79 5.79 -1.03 -12.23
N LEU A 79 5.75 -1.09 -12.26
CA LEU A 79 5.01 -0.43 -11.16
CA LEU A 79 4.97 -0.37 -11.28
C LEU A 79 3.55 -0.85 -11.33
C LEU A 79 3.56 -0.97 -11.34
N PHE A 80 2.90 -1.11 -10.19
CA PHE A 80 1.54 -1.60 -10.15
C PHE A 80 0.65 -0.60 -9.45
N ALA A 81 -0.52 -0.33 -10.04
CA ALA A 81 -1.43 0.71 -9.57
C ALA A 81 -2.81 0.08 -9.28
N VAL A 82 -3.23 0.22 -8.02
CA VAL A 82 -4.55 -0.16 -7.53
C VAL A 82 -5.49 0.99 -7.59
N MET A 83 -6.67 0.79 -8.18
CA MET A 83 -7.69 1.83 -8.23
C MET A 83 -8.94 1.29 -7.53
N LYS A 84 -9.36 2.02 -6.50
CA LYS A 84 -10.56 1.70 -5.75
C LYS A 84 -11.78 2.44 -6.30
N ASN A 85 -12.97 1.94 -5.96
CA ASN A 85 -14.15 2.68 -6.26
C ASN A 85 -14.30 3.87 -5.31
N ALA A 86 -14.75 5.00 -5.88
CA ALA A 86 -14.91 6.24 -5.14
C ALA A 86 -15.93 6.10 -4.01
N LYS A 87 -16.87 5.14 -4.12
CA LYS A 87 -17.88 4.96 -3.08
C LYS A 87 -17.56 3.93 -2.01
N SER A 88 -16.45 3.23 -2.15
CA SER A 88 -16.11 2.20 -1.18
C SER A 88 -15.92 2.78 0.24
N PHE A 89 -15.16 3.89 0.31
CA PHE A 89 -14.87 4.57 1.56
C PHE A 89 -15.67 5.87 1.70
N ASN A 90 -16.76 5.97 0.95
CA ASN A 90 -17.71 7.07 1.17
C ASN A 90 -18.81 6.52 2.10
N PHE A 91 -18.63 6.62 3.41
CA PHE A 91 -19.50 5.87 4.36
C PHE A 91 -20.96 6.36 4.39
N ALA A 92 -21.18 7.62 3.98
CA ALA A 92 -22.52 8.17 3.78
C ALA A 92 -23.21 7.82 2.45
N ASP A 93 -22.45 7.33 1.45
CA ASP A 93 -23.00 6.94 0.14
C ASP A 93 -22.17 5.74 -0.34
N GLN A 94 -22.21 4.69 0.46
CA GLN A 94 -21.30 3.58 0.26
C GLN A 94 -21.83 2.52 -0.68
N SER A 95 -20.91 1.92 -1.45
CA SER A 95 -21.21 0.81 -2.31
C SER A 95 -20.10 -0.20 -2.22
N SER A 96 -20.50 -1.46 -2.32
CA SER A 96 -19.58 -2.58 -2.43
C SER A 96 -19.55 -3.16 -3.86
N HIS A 97 -20.27 -2.51 -4.77
CA HIS A 97 -20.36 -2.98 -6.17
C HIS A 97 -19.84 -2.04 -7.21
N GLY A 98 -19.13 -1.01 -6.82
CA GLY A 98 -18.50 -0.20 -7.86
C GLY A 98 -17.34 -0.81 -8.66
N ALA A 99 -17.09 -0.28 -9.85
CA ALA A 99 -15.84 -0.53 -10.59
C ALA A 99 -14.59 -0.26 -9.79
N SER A 100 -13.63 -1.16 -9.89
CA SER A 100 -12.29 -1.03 -9.33
C SER A 100 -11.34 -1.78 -10.27
N SER A 101 -10.04 -1.48 -10.18
CA SER A 101 -9.13 -1.98 -11.20
C SER A 101 -7.68 -2.03 -10.73
N PHE A 102 -6.83 -2.60 -11.58
CA PHE A 102 -5.46 -2.83 -11.26
C PHE A 102 -4.68 -2.86 -12.55
N HIS A 103 -3.51 -2.23 -12.54
CA HIS A 103 -2.75 -1.93 -13.74
C HIS A 103 -1.28 -2.16 -13.53
N SER A 104 -0.65 -2.77 -14.54
CA SER A 104 0.81 -2.97 -14.53
C SER A 104 1.40 -2.04 -15.57
N PHE A 105 2.44 -1.32 -15.16
CA PHE A 105 3.16 -0.43 -16.04
C PHE A 105 4.64 -0.81 -16.08
N ASN A 106 5.22 -0.70 -17.28
CA ASN A 106 6.69 -0.72 -17.37
C ASN A 106 7.28 0.59 -16.81
N LEU A 107 8.43 0.48 -16.17
CA LEU A 107 9.22 1.65 -15.78
C LEU A 107 10.43 1.73 -16.73
N PRO A 108 10.85 2.97 -17.06
CA PRO A 108 10.41 4.26 -16.49
C PRO A 108 9.05 4.71 -16.97
N LEU A 109 8.38 5.51 -16.16
CA LEU A 109 7.15 6.16 -16.59
C LEU A 109 7.47 7.44 -17.38
N SER A 110 6.62 7.70 -18.38
CA SER A 110 6.54 8.97 -19.08
C SER A 110 5.09 9.40 -19.14
N GLU A 111 4.85 10.64 -19.52
CA GLU A 111 3.49 11.14 -19.57
C GLU A 111 2.57 10.28 -20.43
N ASN A 112 3.11 9.67 -21.48
CA ASN A 112 2.32 8.86 -22.40
C ASN A 112 2.26 7.37 -22.06
N SER A 113 2.78 7.01 -20.89
CA SER A 113 2.78 5.62 -20.51
C SER A 113 1.36 5.03 -20.46
N LYS A 114 1.18 3.82 -20.99
N LYS A 114 1.27 3.77 -20.92
CA LYS A 114 -0.09 3.10 -20.86
CA LYS A 114 0.06 2.97 -20.98
C LYS A 114 0.20 1.74 -20.23
C LYS A 114 0.29 1.70 -20.15
N PRO A 115 -0.78 1.16 -19.53
CA PRO A 115 -0.57 -0.13 -18.90
C PRO A 115 -0.14 -1.21 -19.89
N VAL A 116 0.73 -2.10 -19.42
CA VAL A 116 1.01 -3.36 -20.09
C VAL A 116 -0.26 -4.18 -20.11
N TRP A 117 -0.96 -4.19 -18.98
CA TRP A 117 -2.25 -4.85 -18.86
C TRP A 117 -3.03 -4.23 -17.70
N SER A 118 -4.33 -4.49 -17.71
CA SER A 118 -5.25 -4.04 -16.69
C SER A 118 -6.26 -5.15 -16.42
N VAL A 119 -6.72 -5.23 -15.18
CA VAL A 119 -7.78 -6.14 -14.78
C VAL A 119 -8.77 -5.41 -13.87
N ASN A 120 -9.91 -6.03 -13.63
N ASN A 120 -9.98 -5.95 -13.77
CA ASN A 120 -10.86 -5.52 -12.67
CA ASN A 120 -11.04 -5.48 -12.85
C ASN A 120 -11.32 -6.63 -11.75
C ASN A 120 -11.29 -6.58 -11.77
N PHE A 121 -11.95 -6.22 -10.65
CA PHE A 121 -12.18 -7.12 -9.53
C PHE A 121 -13.61 -7.63 -9.37
N GLU A 122 -14.51 -7.24 -10.29
N GLU A 122 -14.53 -7.24 -10.26
CA GLU A 122 -15.92 -7.60 -10.13
CA GLU A 122 -15.94 -7.58 -10.01
C GLU A 122 -16.09 -9.10 -9.92
C GLU A 122 -16.19 -9.11 -9.97
N LYS A 123 -15.54 -9.88 -10.85
CA LYS A 123 -15.72 -11.34 -10.84
C LYS A 123 -15.14 -11.96 -9.58
N VAL A 124 -13.98 -11.47 -9.14
N VAL A 124 -13.92 -11.60 -9.14
CA VAL A 124 -13.35 -12.06 -8.00
CA VAL A 124 -13.41 -12.24 -7.91
C VAL A 124 -14.13 -11.71 -6.73
C VAL A 124 -14.22 -11.75 -6.70
N GLN A 125 -14.69 -10.50 -6.70
CA GLN A 125 -15.57 -10.10 -5.60
C GLN A 125 -16.79 -11.04 -5.53
N ASP A 126 -17.39 -11.32 -6.67
CA ASP A 126 -18.52 -12.25 -6.69
C ASP A 126 -18.10 -13.63 -6.12
N GLU A 127 -16.92 -14.10 -6.52
CA GLU A 127 -16.44 -15.41 -6.06
C GLU A 127 -16.17 -15.44 -4.58
N PHE A 128 -15.55 -14.37 -4.05
CA PHE A 128 -15.34 -14.30 -2.61
C PHE A 128 -16.68 -14.41 -1.86
N GLU A 129 -17.65 -13.65 -2.33
CA GLU A 129 -18.95 -13.61 -1.68
C GLU A 129 -19.60 -15.01 -1.76
N LYS A 130 -19.52 -15.61 -2.93
CA LYS A 130 -20.13 -16.92 -3.14
C LYS A 130 -19.54 -17.97 -2.17
N LYS A 131 -18.24 -17.94 -1.99
CA LYS A 131 -17.59 -18.95 -1.15
C LYS A 131 -17.57 -18.65 0.33
N ALA A 132 -17.51 -17.37 0.70
CA ALA A 132 -17.25 -16.97 2.09
C ALA A 132 -18.44 -16.28 2.76
N GLY A 133 -19.37 -15.76 1.97
CA GLY A 133 -20.58 -15.16 2.51
C GLY A 133 -20.66 -13.66 2.60
N LYS A 134 -19.53 -12.99 2.43
CA LYS A 134 -19.49 -11.55 2.47
C LYS A 134 -18.71 -11.01 1.28
N ARG A 135 -19.17 -9.91 0.72
CA ARG A 135 -18.52 -9.31 -0.42
C ARG A 135 -17.41 -8.37 0.04
N PRO A 136 -16.18 -8.68 -0.33
CA PRO A 136 -15.11 -7.76 0.00
C PRO A 136 -15.08 -6.62 -1.02
N PHE A 137 -14.57 -5.48 -0.57
CA PHE A 137 -14.44 -4.30 -1.43
C PHE A 137 -13.42 -3.38 -0.78
N GLY A 138 -13.12 -2.25 -1.41
CA GLY A 138 -12.10 -1.34 -0.86
C GLY A 138 -10.69 -1.85 -1.06
N VAL A 139 -10.28 -1.94 -2.33
CA VAL A 139 -8.92 -2.34 -2.67
C VAL A 139 -7.95 -1.22 -2.32
N VAL A 140 -6.93 -1.54 -1.51
CA VAL A 140 -6.09 -0.51 -0.92
C VAL A 140 -4.60 -0.59 -1.19
N GLN A 141 -4.10 -1.78 -1.52
CA GLN A 141 -2.65 -1.94 -1.66
C GLN A 141 -2.42 -3.30 -2.34
N SER A 142 -1.29 -3.43 -3.04
CA SER A 142 -0.87 -4.71 -3.56
C SER A 142 0.60 -4.94 -3.27
N ALA A 143 0.99 -6.23 -3.34
CA ALA A 143 2.37 -6.65 -3.14
C ALA A 143 2.70 -7.65 -4.26
N GLN A 144 3.96 -7.64 -4.70
CA GLN A 144 4.41 -8.54 -5.74
C GLN A 144 5.43 -9.52 -5.21
N ASP A 145 5.26 -10.81 -5.58
CA ASP A 145 6.23 -11.83 -5.25
C ASP A 145 7.44 -11.80 -6.20
N ARG A 146 8.36 -12.75 -6.03
N ARG A 146 8.37 -12.75 -6.01
CA ARG A 146 9.60 -12.74 -6.82
CA ARG A 146 9.62 -12.77 -6.80
C ARG A 146 9.35 -12.91 -8.30
C ARG A 146 9.40 -13.04 -8.27
N ASP A 147 8.23 -13.55 -8.64
CA ASP A 147 7.91 -13.86 -10.00
C ASP A 147 6.90 -12.86 -10.61
N GLY A 148 6.62 -11.77 -9.91
CA GLY A 148 5.73 -10.76 -10.45
C GLY A 148 4.24 -10.95 -10.34
N ASN A 149 3.82 -11.99 -9.60
CA ASN A 149 2.41 -12.10 -9.28
C ASN A 149 2.07 -11.03 -8.25
N SER A 150 0.84 -10.57 -8.30
CA SER A 150 0.35 -9.55 -7.42
C SER A 150 -0.72 -10.09 -6.48
N TYR A 151 -0.74 -9.50 -5.29
CA TYR A 151 -1.64 -9.88 -4.22
C TYR A 151 -2.25 -8.60 -3.67
N VAL A 152 -3.56 -8.46 -3.91
CA VAL A 152 -4.30 -7.21 -3.71
C VAL A 152 -5.19 -7.33 -2.47
N ALA A 153 -4.99 -6.44 -1.50
CA ALA A 153 -5.72 -6.43 -0.24
C ALA A 153 -7.02 -5.67 -0.36
N PHE A 154 -8.08 -6.29 0.20
CA PHE A 154 -9.41 -5.69 0.36
C PHE A 154 -9.60 -5.35 1.85
N ALA A 155 -9.89 -4.09 2.12
CA ALA A 155 -10.01 -3.57 3.48
C ALA A 155 -11.41 -3.61 4.09
N LEU A 156 -12.42 -3.75 3.20
CA LEU A 156 -13.82 -3.61 3.58
C LEU A 156 -14.59 -4.89 3.26
N GLY A 157 -15.69 -5.10 3.98
CA GLY A 157 -16.57 -6.25 3.71
C GLY A 157 -16.12 -7.49 4.45
N MET A 158 -14.98 -8.02 4.07
N MET A 158 -14.94 -7.94 4.08
CA MET A 158 -14.31 -9.05 4.82
CA MET A 158 -14.31 -9.14 4.62
C MET A 158 -12.86 -9.02 4.40
C MET A 158 -12.82 -9.13 4.29
N PRO A 159 -11.98 -9.61 5.22
CA PRO A 159 -10.58 -9.82 4.84
C PRO A 159 -10.47 -10.71 3.60
N ALA A 160 -9.79 -10.21 2.57
CA ALA A 160 -9.66 -10.95 1.31
C ALA A 160 -8.43 -10.43 0.59
N ILE A 161 -7.80 -11.33 -0.15
CA ILE A 161 -6.65 -11.03 -0.98
C ILE A 161 -6.89 -11.68 -2.34
N ALA A 162 -6.92 -10.87 -3.41
CA ALA A 162 -7.00 -11.38 -4.76
C ALA A 162 -5.56 -11.54 -5.31
N ARG A 163 -5.33 -12.62 -6.04
CA ARG A 163 -4.09 -12.82 -6.77
C ARG A 163 -4.32 -12.46 -8.24
N VAL A 164 -3.33 -11.74 -8.79
CA VAL A 164 -3.31 -11.42 -10.23
C VAL A 164 -1.99 -11.96 -10.78
N SER A 165 -2.07 -12.87 -11.74
CA SER A 165 -0.88 -13.45 -12.33
C SER A 165 0.01 -12.38 -12.92
N ALA A 166 1.30 -12.72 -13.07
CA ALA A 166 2.28 -11.77 -13.61
C ALA A 166 1.92 -11.25 -14.99
N ASP A 167 1.28 -12.09 -15.79
CA ASP A 167 0.85 -11.72 -17.13
C ASP A 167 -0.54 -11.11 -17.22
N GLY A 168 -1.18 -10.90 -16.07
CA GLY A 168 -2.48 -10.25 -16.03
C GLY A 168 -3.65 -11.09 -16.51
N LYS A 169 -3.42 -12.36 -16.85
N LYS A 169 -3.42 -12.37 -16.83
CA LYS A 169 -4.48 -13.18 -17.42
CA LYS A 169 -4.45 -13.19 -17.44
C LYS A 169 -5.47 -13.73 -16.41
C LYS A 169 -5.35 -13.95 -16.47
N THR A 170 -5.01 -13.96 -15.18
CA THR A 170 -5.84 -14.66 -14.18
C THR A 170 -5.92 -13.87 -12.87
N VAL A 171 -7.14 -13.55 -12.49
CA VAL A 171 -7.46 -12.91 -11.23
C VAL A 171 -8.21 -14.00 -10.44
N SER A 172 -7.71 -14.30 -9.23
CA SER A 172 -8.23 -15.41 -8.43
C SER A 172 -8.37 -15.04 -6.97
N THR A 173 -9.23 -15.82 -6.30
CA THR A 173 -9.41 -15.67 -4.86
C THR A 173 -8.26 -16.39 -4.16
N PHE A 174 -7.29 -15.66 -3.62
CA PHE A 174 -6.10 -16.27 -3.06
C PHE A 174 -6.24 -16.65 -1.58
N ALA A 175 -6.78 -15.71 -0.80
CA ALA A 175 -6.89 -15.91 0.64
C ALA A 175 -8.07 -15.09 1.16
N TRP A 176 -8.67 -15.59 2.24
CA TRP A 176 -9.71 -14.88 2.91
C TRP A 176 -9.96 -15.48 4.29
N GLU A 177 -10.66 -14.72 5.11
CA GLU A 177 -11.08 -15.21 6.42
C GLU A 177 -12.23 -14.39 6.92
N SER A 178 -12.83 -14.85 8.01
N SER A 178 -12.92 -14.87 7.95
CA SER A 178 -13.91 -14.11 8.62
CA SER A 178 -14.02 -14.12 8.48
C SER A 178 -13.40 -12.81 9.19
C SER A 178 -13.50 -12.90 9.24
N GLY A 179 -14.26 -11.80 9.14
CA GLY A 179 -14.01 -10.59 9.87
C GLY A 179 -14.66 -10.62 11.24
N ASN A 180 -14.25 -9.66 12.07
CA ASN A 180 -14.73 -9.55 13.45
C ASN A 180 -15.53 -8.27 13.67
N GLY A 181 -16.20 -7.83 12.62
CA GLY A 181 -17.04 -6.65 12.72
C GLY A 181 -16.30 -5.34 12.47
N GLY A 182 -17.05 -4.27 12.48
CA GLY A 182 -16.54 -2.93 12.29
C GLY A 182 -16.68 -2.46 10.86
N GLN A 183 -16.50 -1.16 10.68
CA GLN A 183 -16.54 -0.57 9.34
C GLN A 183 -15.43 -1.08 8.43
N ARG A 184 -14.29 -1.43 9.02
CA ARG A 184 -13.11 -1.83 8.23
C ARG A 184 -12.50 -3.14 8.72
N PRO A 185 -13.20 -4.23 8.44
CA PRO A 185 -12.79 -5.53 8.97
C PRO A 185 -11.67 -6.20 8.18
N GLY A 186 -11.39 -5.70 6.97
CA GLY A 186 -10.40 -6.37 6.13
C GLY A 186 -8.98 -5.86 6.33
N TYR A 187 -8.11 -6.28 5.43
CA TYR A 187 -6.70 -5.93 5.56
C TYR A 187 -6.47 -4.52 5.01
N SER A 188 -5.83 -3.65 5.80
N SER A 188 -5.86 -3.62 5.77
CA SER A 188 -5.59 -2.25 5.40
CA SER A 188 -5.66 -2.27 5.26
C SER A 188 -4.29 -2.07 4.62
C SER A 188 -4.35 -2.12 4.48
N GLY A 189 -3.46 -3.11 4.60
CA GLY A 189 -2.21 -3.09 3.85
C GLY A 189 -1.72 -4.48 3.59
N ILE A 190 -0.82 -4.57 2.62
CA ILE A 190 -0.11 -5.80 2.32
C ILE A 190 1.25 -5.50 1.73
N THR A 191 2.25 -6.30 2.08
CA THR A 191 3.59 -6.15 1.56
C THR A 191 4.25 -7.53 1.42
N PHE A 192 5.33 -7.58 0.64
CA PHE A 192 6.07 -8.79 0.39
C PHE A 192 7.45 -8.71 1.05
N ASP A 193 7.86 -9.80 1.70
CA ASP A 193 9.18 -9.94 2.28
C ASP A 193 10.01 -10.94 1.49
N PRO A 194 10.96 -10.45 0.69
CA PRO A 194 11.73 -11.37 -0.15
C PRO A 194 12.65 -12.28 0.64
N HIS A 195 12.97 -11.96 1.89
CA HIS A 195 13.85 -12.84 2.68
C HIS A 195 13.15 -14.11 3.15
N SER A 196 11.93 -13.97 3.67
N SER A 196 11.93 -13.96 3.67
CA SER A 196 11.15 -15.14 4.08
CA SER A 196 11.16 -15.11 4.10
C SER A 196 10.36 -15.72 2.92
C SER A 196 10.26 -15.65 2.98
N ASN A 197 10.21 -14.95 1.84
CA ASN A 197 9.33 -15.30 0.74
C ASN A 197 7.87 -15.37 1.17
N LYS A 198 7.45 -14.45 2.03
CA LYS A 198 6.07 -14.39 2.52
C LYS A 198 5.41 -13.04 2.23
N LEU A 199 4.09 -13.07 2.05
CA LEU A 199 3.31 -11.87 2.15
C LEU A 199 2.90 -11.64 3.59
N ILE A 200 2.86 -10.37 3.98
N ILE A 200 2.76 -10.36 3.91
CA ILE A 200 2.32 -9.99 5.30
CA ILE A 200 2.35 -9.90 5.23
C ILE A 200 1.27 -8.88 5.12
C ILE A 200 1.23 -8.88 5.01
N ALA A 201 0.04 -9.20 5.53
CA ALA A 201 -1.09 -8.26 5.54
C ALA A 201 -1.21 -7.61 6.91
N PHE A 202 -1.61 -6.35 6.90
CA PHE A 202 -1.68 -5.49 8.09
C PHE A 202 -3.13 -5.19 8.39
N GLY A 203 -3.48 -5.35 9.67
CA GLY A 203 -4.76 -4.92 10.16
C GLY A 203 -5.89 -5.89 9.89
N GLY A 204 -7.09 -5.44 10.22
CA GLY A 204 -8.26 -6.27 10.03
C GLY A 204 -8.50 -7.13 11.26
N PRO A 205 -8.39 -8.46 11.10
CA PRO A 205 -8.68 -9.35 12.23
C PRO A 205 -7.60 -9.29 13.31
N ARG A 206 -6.42 -8.83 12.95
CA ARG A 206 -5.26 -8.82 13.84
C ARG A 206 -4.22 -7.86 13.25
N ALA A 207 -3.11 -7.67 13.97
CA ALA A 207 -2.08 -6.75 13.56
C ALA A 207 -1.43 -7.24 12.24
N LEU A 208 -0.94 -8.49 12.25
CA LEU A 208 -0.20 -9.04 11.11
C LEU A 208 -0.61 -10.48 10.81
N THR A 209 -0.75 -10.76 9.50
CA THR A 209 -1.13 -12.06 9.00
C THR A 209 -0.17 -12.40 7.86
N ALA A 210 0.47 -13.57 7.92
CA ALA A 210 1.38 -13.99 6.87
C ALA A 210 0.72 -15.00 5.92
N PHE A 211 1.25 -15.04 4.70
CA PHE A 211 0.78 -15.97 3.68
C PHE A 211 1.94 -16.47 2.85
N ASP A 212 1.96 -17.77 2.59
N ASP A 212 1.83 -17.76 2.48
CA ASP A 212 2.89 -18.30 1.62
CA ASP A 212 2.73 -18.50 1.61
C ASP A 212 2.38 -18.00 0.23
C ASP A 212 2.35 -18.24 0.14
N VAL A 213 3.33 -17.93 -0.71
CA VAL A 213 3.05 -17.53 -2.11
C VAL A 213 3.17 -18.65 -3.11
N SER A 214 3.46 -19.87 -2.67
CA SER A 214 3.83 -20.91 -3.63
C SER A 214 2.68 -21.64 -4.27
N LYS A 215 1.49 -21.46 -3.73
CA LYS A 215 0.30 -22.19 -4.21
C LYS A 215 -0.83 -21.23 -4.55
N PRO A 216 -1.87 -21.73 -5.27
CA PRO A 216 -2.98 -20.89 -5.73
C PRO A 216 -3.81 -20.27 -4.61
N TYR A 217 -3.88 -20.96 -3.48
CA TYR A 217 -4.53 -20.43 -2.33
C TYR A 217 -3.51 -20.37 -1.20
N ALA A 218 -3.83 -19.63 -0.14
CA ALA A 218 -3.00 -19.63 1.07
C ALA A 218 -3.89 -19.50 2.29
N TRP A 219 -3.55 -20.26 3.34
CA TRP A 219 -4.18 -20.07 4.62
C TRP A 219 -3.62 -18.84 5.30
N PRO A 220 -4.47 -18.08 5.99
CA PRO A 220 -3.92 -17.00 6.82
C PRO A 220 -3.09 -17.60 7.97
N GLU A 221 -1.87 -17.07 8.15
N GLU A 221 -1.92 -17.02 8.23
CA GLU A 221 -0.98 -17.44 9.26
CA GLU A 221 -1.05 -17.50 9.30
C GLU A 221 -0.92 -16.24 10.20
C GLU A 221 -0.80 -16.36 10.27
N PRO A 222 -1.62 -16.28 11.33
CA PRO A 222 -1.49 -15.20 12.30
C PRO A 222 -0.06 -15.07 12.76
N VAL A 223 0.43 -13.84 12.85
CA VAL A 223 1.77 -13.56 13.40
C VAL A 223 1.63 -13.16 14.87
N LYS A 224 2.36 -13.85 15.76
N LYS A 224 2.35 -13.87 15.76
CA LYS A 224 2.36 -13.49 17.17
CA LYS A 224 2.38 -13.48 17.15
C LYS A 224 3.22 -12.23 17.37
C LYS A 224 3.18 -12.19 17.29
N ILE A 225 2.63 -11.18 17.94
CA ILE A 225 3.39 -9.95 18.21
C ILE A 225 4.02 -10.10 19.60
N ASN A 226 5.35 -10.01 19.63
CA ASN A 226 6.13 -10.10 20.87
C ASN A 226 6.20 -8.71 21.48
N GLY A 227 5.07 -8.29 21.99
CA GLY A 227 4.87 -6.92 22.44
C GLY A 227 3.41 -6.58 22.35
N ASP A 228 3.11 -5.30 22.46
N ASP A 228 3.10 -5.32 22.58
CA ASP A 228 1.74 -4.80 22.60
CA ASP A 228 1.72 -4.84 22.60
C ASP A 228 1.43 -3.87 21.44
C ASP A 228 1.53 -3.91 21.42
N PHE A 229 0.90 -4.40 20.36
CA PHE A 229 0.58 -3.56 19.23
C PHE A 229 -0.39 -2.44 19.58
N GLY A 230 -1.42 -2.79 20.35
CA GLY A 230 -2.48 -1.84 20.67
C GLY A 230 -3.68 -2.02 19.77
N THR A 231 -4.45 -0.95 19.60
CA THR A 231 -5.67 -1.05 18.86
C THR A 231 -5.41 -1.34 17.38
N LEU A 232 -6.36 -2.07 16.79
CA LEU A 232 -6.40 -2.28 15.36
C LEU A 232 -7.11 -1.14 14.61
N SER A 233 -7.83 -0.29 15.34
CA SER A 233 -8.52 0.80 14.69
C SER A 233 -7.51 1.75 14.04
N GLY A 234 -7.76 2.08 12.77
CA GLY A 234 -7.01 3.13 12.10
C GLY A 234 -5.78 2.67 11.34
N THR A 235 -5.55 1.36 11.26
CA THR A 235 -4.42 0.90 10.48
C THR A 235 -4.59 1.27 9.00
N GLU A 236 -3.46 1.56 8.36
CA GLU A 236 -3.44 1.89 6.94
C GLU A 236 -2.47 0.95 6.21
N LYS A 237 -1.53 1.49 5.44
N LYS A 237 -1.66 1.45 5.29
CA LYS A 237 -0.73 0.68 4.54
CA LYS A 237 -0.80 0.59 4.50
C LYS A 237 0.54 0.21 5.23
C LYS A 237 0.45 0.15 5.26
N ILE A 238 1.09 -0.88 4.71
CA ILE A 238 2.32 -1.43 5.27
C ILE A 238 3.34 -1.62 4.13
N VAL A 239 4.62 -1.42 4.42
CA VAL A 239 5.69 -1.51 3.41
C VAL A 239 6.85 -2.31 3.97
N THR A 240 7.71 -2.78 3.06
CA THR A 240 8.94 -3.48 3.41
C THR A 240 10.12 -2.53 3.20
N VAL A 241 10.93 -2.39 4.25
CA VAL A 241 12.13 -1.55 4.23
C VAL A 241 13.34 -2.51 4.32
N PRO A 242 14.21 -2.50 3.30
CA PRO A 242 15.43 -3.28 3.36
C PRO A 242 16.43 -2.61 4.30
N VAL A 243 16.83 -3.33 5.34
CA VAL A 243 17.82 -2.86 6.30
C VAL A 243 18.87 -3.93 6.30
N GLY A 244 19.99 -3.61 5.64
CA GLY A 244 21.03 -4.59 5.40
C GLY A 244 20.44 -5.76 4.67
N ASN A 245 20.72 -6.95 5.21
N ASN A 245 20.70 -6.98 5.12
CA ASN A 245 20.29 -8.24 4.68
CA ASN A 245 20.16 -8.16 4.46
C ASN A 245 18.89 -8.68 5.15
C ASN A 245 18.91 -8.69 5.19
N GLU A 246 18.15 -7.77 5.78
CA GLU A 246 16.94 -8.13 6.48
C GLU A 246 15.84 -7.21 6.04
N SER A 247 14.63 -7.61 6.41
CA SER A 247 13.46 -6.79 6.18
C SER A 247 12.89 -6.24 7.46
N VAL A 248 12.56 -4.96 7.47
CA VAL A 248 11.79 -4.33 8.56
C VAL A 248 10.48 -3.87 7.87
N LEU A 249 9.33 -4.29 8.41
CA LEU A 249 8.06 -3.84 7.84
C LEU A 249 7.63 -2.62 8.62
N VAL A 250 6.99 -1.65 7.93
CA VAL A 250 6.54 -0.43 8.62
C VAL A 250 5.12 -0.13 8.19
N GLY A 251 4.24 -0.11 9.19
CA GLY A 251 2.83 0.19 8.98
C GLY A 251 2.48 1.57 9.55
N ALA A 252 1.41 2.19 8.99
CA ALA A 252 0.89 3.44 9.47
C ALA A 252 -0.37 3.15 10.34
N ARG A 253 -0.42 3.75 11.53
CA ARG A 253 -1.62 3.78 12.35
C ARG A 253 -1.59 5.13 13.08
N ALA A 254 -2.12 6.16 12.42
CA ALA A 254 -1.88 7.56 12.81
C ALA A 254 -2.12 7.75 14.29
N PRO A 255 -1.23 8.51 14.96
CA PRO A 255 -0.05 9.23 14.44
C PRO A 255 1.25 8.41 14.42
N TYR A 256 1.14 7.07 14.58
CA TYR A 256 2.31 6.20 14.69
C TYR A 256 2.73 5.53 13.40
N ALA A 257 4.04 5.45 13.23
CA ALA A 257 4.65 4.46 12.33
C ALA A 257 5.09 3.35 13.25
N ILE A 258 4.64 2.14 12.94
CA ILE A 258 4.84 0.93 13.75
C ILE A 258 5.61 -0.06 12.87
N SER A 259 6.79 -0.44 13.37
CA SER A 259 7.63 -1.33 12.61
C SER A 259 7.72 -2.72 13.26
N PHE A 260 8.09 -3.69 12.42
CA PHE A 260 8.13 -5.09 12.76
C PHE A 260 9.37 -5.78 12.18
N ARG A 261 9.89 -6.75 12.93
N ARG A 261 9.95 -6.67 12.97
CA ARG A 261 11.05 -7.51 12.49
CA ARG A 261 11.00 -7.53 12.48
C ARG A 261 10.88 -8.91 13.06
C ARG A 261 10.75 -8.92 13.02
N SER A 262 11.06 -9.91 12.19
CA SER A 262 10.90 -11.33 12.56
C SER A 262 12.19 -12.08 12.37
N TRP A 263 12.48 -12.95 13.34
CA TRP A 263 13.60 -13.87 13.29
C TRP A 263 13.17 -15.33 13.05
N ASP A 264 11.90 -15.51 12.70
CA ASP A 264 11.35 -16.87 12.54
C ASP A 264 10.39 -16.96 11.35
N ASN A 265 10.66 -16.17 10.32
CA ASN A 265 9.86 -16.17 9.11
C ASN A 265 8.38 -15.91 9.37
N TRP A 266 8.14 -14.95 10.27
CA TRP A 266 6.81 -14.40 10.52
C TRP A 266 5.89 -15.29 11.34
N LYS A 267 6.44 -16.29 12.03
N LYS A 267 6.45 -16.30 12.03
CA LYS A 267 5.66 -16.94 13.09
CA LYS A 267 5.70 -16.94 13.10
C LYS A 267 5.44 -15.94 14.23
C LYS A 267 5.41 -15.87 14.15
N SER A 268 6.41 -15.03 14.42
CA SER A 268 6.30 -13.97 15.41
C SER A 268 7.09 -12.75 14.94
N ALA A 269 6.87 -11.62 15.60
CA ALA A 269 7.56 -10.37 15.28
C ALA A 269 7.70 -9.49 16.49
N ASN A 270 8.90 -8.87 16.60
CA ASN A 270 9.06 -7.77 17.55
C ASN A 270 8.54 -6.49 16.89
N ILE A 271 8.38 -5.46 17.71
N ILE A 271 8.21 -5.50 17.71
CA ILE A 271 7.63 -4.27 17.38
CA ILE A 271 7.75 -4.23 17.20
C ILE A 271 8.34 -2.99 17.93
C ILE A 271 8.48 -3.05 17.83
N LYS A 272 8.42 -1.94 17.10
CA LYS A 272 8.86 -0.63 17.57
C LYS A 272 7.85 0.40 17.07
N LYS A 273 7.83 1.56 17.70
CA LYS A 273 6.88 2.63 17.34
C LYS A 273 7.57 3.99 17.38
N THR A 274 7.08 4.90 16.54
CA THR A 274 7.41 6.33 16.68
C THR A 274 6.19 7.09 16.22
N LYS A 275 6.10 8.35 16.63
CA LYS A 275 5.04 9.21 16.16
C LYS A 275 5.53 10.63 16.03
N ARG A 276 4.78 11.41 15.24
CA ARG A 276 4.98 12.83 15.11
C ARG A 276 3.65 13.49 15.19
N SER A 277 3.61 14.68 15.83
CA SER A 277 2.37 15.39 16.03
C SER A 277 1.65 15.82 14.76
N GLU A 278 2.42 16.11 13.70
CA GLU A 278 1.79 16.52 12.44
C GLU A 278 0.90 15.42 11.86
N LEU A 279 1.15 14.17 12.24
CA LEU A 279 0.48 13.02 11.67
C LEU A 279 -0.81 12.66 12.42
N GLN A 280 -1.21 13.50 13.39
CA GLN A 280 -2.44 13.27 14.10
C GLN A 280 -3.65 13.40 13.18
N ASN A 281 -3.61 14.34 12.24
CA ASN A 281 -4.77 14.70 11.43
C ASN A 281 -4.37 15.11 10.04
N SER A 282 -3.45 14.39 9.44
CA SER A 282 -2.90 14.75 8.13
C SER A 282 -3.31 13.74 7.07
N GLY A 283 -4.17 12.77 7.40
CA GLY A 283 -4.42 11.71 6.43
C GLY A 283 -3.20 10.81 6.20
N PHE A 284 -2.49 10.49 7.26
CA PHE A 284 -1.29 9.66 7.23
C PHE A 284 -1.68 8.20 6.92
N THR A 285 -1.20 7.71 5.78
CA THR A 285 -1.61 6.40 5.26
C THR A 285 -0.51 5.41 5.00
N ALA A 286 0.75 5.87 4.92
CA ALA A 286 1.82 5.01 4.45
C ALA A 286 3.16 5.62 4.88
N VAL A 287 4.19 4.80 4.87
CA VAL A 287 5.57 5.20 5.05
C VAL A 287 6.30 4.92 3.73
N ALA A 288 7.15 5.86 3.32
CA ALA A 288 8.03 5.71 2.18
C ALA A 288 9.47 5.79 2.61
N ASP A 289 10.35 5.12 1.87
CA ASP A 289 11.77 5.34 2.04
C ASP A 289 12.22 6.47 1.10
N TYR A 290 13.42 6.94 1.33
CA TYR A 290 13.98 8.02 0.56
C TYR A 290 15.47 7.96 0.71
N TYR A 291 16.19 8.31 -0.36
CA TYR A 291 17.65 8.30 -0.38
C TYR A 291 18.18 9.56 -1.02
N GLN A 292 19.27 10.07 -0.46
CA GLN A 292 20.11 11.07 -1.15
C GLN A 292 21.49 10.47 -1.11
N GLY A 293 21.96 10.02 -2.28
CA GLY A 293 23.15 9.19 -2.34
C GLY A 293 22.93 7.93 -1.52
N SER A 294 23.86 7.63 -0.63
CA SER A 294 23.73 6.45 0.23
C SER A 294 22.99 6.74 1.55
N GLU A 295 22.60 8.00 1.77
CA GLU A 295 21.88 8.36 2.99
C GLU A 295 20.40 8.02 2.80
N GLN A 296 19.85 7.31 3.77
CA GLN A 296 18.46 6.82 3.72
C GLN A 296 17.67 7.35 4.90
N GLY A 297 16.39 7.60 4.67
CA GLY A 297 15.47 7.91 5.73
C GLY A 297 14.07 7.40 5.40
N LEU A 298 13.19 7.46 6.40
CA LEU A 298 11.79 7.07 6.23
C LEU A 298 10.91 8.30 6.41
N TYR A 299 9.89 8.40 5.56
CA TYR A 299 9.00 9.55 5.50
C TYR A 299 7.53 9.12 5.55
N ALA A 300 6.75 9.85 6.34
CA ALA A 300 5.31 9.68 6.42
C ALA A 300 4.61 10.29 5.19
N VAL A 301 3.69 9.51 4.61
CA VAL A 301 2.83 9.96 3.52
C VAL A 301 1.47 10.38 4.08
N SER A 302 1.12 11.65 3.79
CA SER A 302 -0.09 12.26 4.28
C SER A 302 -0.93 12.76 3.11
N ALA A 303 -2.16 12.25 3.03
CA ALA A 303 -3.10 12.54 1.95
C ALA A 303 -3.84 13.87 2.13
N PHE A 304 -4.02 14.33 3.37
CA PHE A 304 -4.81 15.52 3.64
C PHE A 304 -6.21 15.42 3.02
N PHE A 305 -6.94 14.40 3.47
CA PHE A 305 -8.28 14.17 2.98
C PHE A 305 -9.23 15.32 3.28
N ASP A 306 -8.94 16.15 4.28
CA ASP A 306 -9.80 17.28 4.60
C ASP A 306 -9.86 18.30 3.48
N ASN A 307 -8.93 18.25 2.55
CA ASN A 307 -8.98 19.12 1.35
C ASN A 307 -10.13 18.81 0.39
N GLY A 308 -10.56 17.54 0.35
CA GLY A 308 -11.43 17.05 -0.71
C GLY A 308 -10.72 17.15 -2.06
N ALA A 309 -11.51 17.14 -3.13
CA ALA A 309 -10.94 17.11 -4.49
C ALA A 309 -10.41 18.45 -4.95
N HIS A 310 -10.98 19.55 -4.42
CA HIS A 310 -10.69 20.88 -4.94
C HIS A 310 -10.58 21.93 -3.86
N GLY A 311 -10.16 21.53 -2.66
CA GLY A 311 -10.04 22.47 -1.56
C GLY A 311 -8.90 23.47 -1.61
N GLY A 312 -7.97 23.29 -2.54
CA GLY A 312 -6.93 24.28 -2.83
C GLY A 312 -5.57 24.06 -2.17
N ARG A 313 -5.43 23.02 -1.37
CA ARG A 313 -4.14 22.73 -0.77
C ARG A 313 -3.11 22.59 -1.88
N SER A 314 -1.97 23.23 -1.68
CA SER A 314 -0.85 23.09 -2.63
C SER A 314 0.49 22.77 -1.96
N ASP A 315 0.42 22.25 -0.72
CA ASP A 315 1.60 21.75 0.00
C ASP A 315 1.25 20.40 0.58
N TYR A 316 1.99 19.37 0.16
CA TYR A 316 1.81 18.00 0.64
C TYR A 316 3.12 17.54 1.26
N PRO A 317 3.35 17.90 2.51
CA PRO A 317 4.60 17.51 3.16
C PRO A 317 4.67 16.00 3.42
N LEU A 318 5.84 15.46 3.14
CA LEU A 318 6.28 14.15 3.62
C LEU A 318 7.21 14.40 4.81
N TYR A 319 6.85 13.93 5.99
CA TYR A 319 7.59 14.20 7.21
C TYR A 319 8.52 13.07 7.60
N LYS A 320 9.76 13.44 7.94
CA LYS A 320 10.76 12.46 8.32
C LYS A 320 10.39 11.78 9.66
N LEU A 321 10.60 10.47 9.70
CA LEU A 321 10.34 9.68 10.88
C LEU A 321 11.66 9.34 11.58
N ASP A 322 11.58 9.20 12.91
CA ASP A 322 12.73 8.76 13.70
C ASP A 322 13.29 7.42 13.21
N ASN A 323 14.61 7.34 13.02
CA ASN A 323 15.23 6.11 12.54
C ASN A 323 15.19 4.97 13.56
N SER A 324 14.77 5.25 14.79
CA SER A 324 14.68 4.21 15.83
C SER A 324 13.89 3.04 15.33
N ILE A 325 12.85 3.32 14.55
CA ILE A 325 11.97 2.24 14.12
C ILE A 325 12.65 1.25 13.14
N GLN A 326 13.75 1.63 12.51
CA GLN A 326 14.40 0.69 11.60
C GLN A 326 15.63 0.05 12.24
N ASN A 327 15.87 0.37 13.52
N ASN A 327 15.81 0.29 13.54
CA ASN A 327 16.96 -0.23 14.29
CA ASN A 327 16.98 -0.18 14.30
C ASN A 327 16.40 -1.19 15.34
C ASN A 327 16.56 -1.20 15.37
N PHE A 328 16.38 -2.48 14.99
CA PHE A 328 16.02 -3.56 15.94
C PHE A 328 17.21 -4.22 16.61
N HIS A 329 17.03 -4.57 17.86
CA HIS A 329 17.96 -5.42 18.51
C HIS A 329 17.10 -6.56 18.95
N HIS A 330 17.46 -7.73 18.51
CA HIS A 330 16.75 -8.88 18.97
C HIS A 330 16.81 -8.93 20.50
N HIS A 331 17.96 -8.55 21.06
CA HIS A 331 18.16 -8.59 22.52
C HIS A 331 19.06 -7.45 23.00
N HIS A 333 20.76 -6.17 25.31
CA HIS A 333 22.05 -6.56 25.89
C HIS A 333 22.47 -7.90 25.33
N HIS A 334 23.78 -8.18 25.36
CA HIS A 334 24.34 -9.41 24.72
C HIS A 334 25.64 -9.81 25.36
S SO4 B . -2.74 -8.71 17.79
O1 SO4 B . -2.15 -7.49 18.44
O2 SO4 B . -3.64 -8.33 16.76
O3 SO4 B . -3.48 -9.47 18.80
O4 SO4 B . -1.66 -9.52 17.22
S SO4 C . -24.57 -1.35 -3.16
O1 SO4 C . -24.30 -0.13 -3.97
O2 SO4 C . -23.33 -2.15 -3.04
O3 SO4 C . -25.63 -2.08 -3.84
O4 SO4 C . -25.10 -0.98 -1.86
S SO4 D . -8.12 21.44 -9.72
O1 SO4 D . -9.06 22.02 -8.73
O2 SO4 D . -8.78 20.28 -10.35
O3 SO4 D . -7.87 22.46 -10.77
O4 SO4 D . -6.91 20.93 -9.06
S SO4 E . -24.47 -8.06 -1.44
O1 SO4 E . -24.90 -6.79 -1.99
O2 SO4 E . -25.34 -8.44 -0.31
O3 SO4 E . -24.57 -9.13 -2.45
O4 SO4 E . -23.10 -8.03 -0.98
S SO4 F . -15.02 14.14 -13.77
O1 SO4 F . -14.01 13.94 -14.83
O2 SO4 F . -14.36 14.72 -12.60
O3 SO4 F . -16.05 15.04 -14.26
O4 SO4 F . -15.64 12.89 -13.35
CL CL G . -12.91 -0.71 -4.15
C1 GOL H . -9.35 -19.59 3.26
O1 GOL H . -9.21 -19.23 4.62
C2 GOL H . -7.96 -19.57 2.62
O2 GOL H . -7.39 -18.29 2.78
C3 GOL H . -8.08 -19.91 1.13
O3 GOL H . -8.48 -21.27 0.90
C1 GOL I . -12.79 8.81 -0.82
O1 GOL I . -12.42 7.57 -1.38
C2 GOL I . -14.29 8.92 -1.04
O2 GOL I . -14.54 9.08 -2.43
C3 GOL I . -14.81 10.11 -0.25
O3 GOL I . -16.20 9.91 -0.02
C1 GOL J . 11.66 -4.36 20.02
O1 GOL J . 11.32 -5.40 20.96
C2 GOL J . 13.06 -4.56 19.35
O2 GOL J . 13.44 -5.92 19.27
C3 GOL J . 14.24 -3.67 19.79
O3 GOL J . 13.86 -2.47 20.43
#